data_1I59
#
_entry.id   1I59
#
_cell.length_a   40.850
_cell.length_b   48.640
_cell.length_c   85.790
_cell.angle_alpha   90.00
_cell.angle_beta   95.22
_cell.angle_gamma   90.00
#
_symmetry.space_group_name_H-M   'P 1 21 1'
#
loop_
_entity.id
_entity.type
_entity.pdbx_description
1 polymer 'CHEMOTAXIS PROTEIN CHEA'
2 non-polymer 'ACETATE ION'
3 non-polymer 'MAGNESIUM ION'
4 non-polymer 'PHOSPHOAMINOPHOSPHONIC ACID-ADENYLATE ESTER'
5 non-polymer "ADENOSINE-5'-DIPHOSPHATE"
6 water water
#
_entity_poly.entity_id   1
_entity_poly.type   'polypeptide(L)'
_entity_poly.pdbx_seq_one_letter_code
;GSHMVPISFVFNRFPRMVRDLAKKMNKEVNFIMRGEDTELDRTFVEEIGEPLLHLLRNAIDHGIEPKEERIAKGKPPIGT
LILSARHEGNNVVIEVEDDGRGIDKEKIIRKAIEKGLIDESKAATLSDQEILNFLFVPGFSTKEKVSEVSGRGVGMDVVK
NVVESLNGSISIESEKDKGTKVTIRLPLT
;
_entity_poly.pdbx_strand_id   A,B
#
loop_
_chem_comp.id
_chem_comp.type
_chem_comp.name
_chem_comp.formula
ACT non-polymer 'ACETATE ION' 'C2 H3 O2 -1'
ADP non-polymer ADENOSINE-5'-DIPHOSPHATE 'C10 H15 N5 O10 P2'
ANP non-polymer 'PHOSPHOAMINOPHOSPHONIC ACID-ADENYLATE ESTER' 'C10 H17 N6 O12 P3'
MG non-polymer 'MAGNESIUM ION' 'Mg 2'
#
# COMPACT_ATOMS: atom_id res chain seq x y z
N SER A 2 12.78 -5.00 -22.13
CA SER A 2 13.58 -6.03 -22.86
C SER A 2 14.08 -7.07 -21.86
N HIS A 3 13.34 -7.28 -20.78
CA HIS A 3 13.83 -8.19 -19.76
C HIS A 3 12.94 -9.31 -19.24
N MET A 4 12.52 -10.20 -20.12
CA MET A 4 11.71 -11.34 -19.75
C MET A 4 12.54 -12.31 -18.91
N VAL A 5 11.90 -12.95 -17.94
CA VAL A 5 12.57 -13.94 -17.09
C VAL A 5 11.51 -14.94 -16.61
N PRO A 6 11.83 -16.24 -16.57
CA PRO A 6 10.85 -17.23 -16.12
C PRO A 6 10.24 -16.89 -14.76
N ILE A 7 8.94 -17.09 -14.63
CA ILE A 7 8.25 -16.76 -13.38
C ILE A 7 8.70 -17.68 -12.24
N SER A 8 9.55 -18.65 -12.58
CA SER A 8 10.06 -19.60 -11.59
C SER A 8 10.93 -18.85 -10.59
N PHE A 9 11.49 -17.73 -11.01
CA PHE A 9 12.33 -16.94 -10.11
C PHE A 9 11.56 -16.42 -8.92
N VAL A 10 10.23 -16.43 -9.02
CA VAL A 10 9.42 -15.98 -7.90
C VAL A 10 8.58 -17.12 -7.33
N PHE A 11 8.26 -18.10 -8.17
CA PHE A 11 7.47 -19.26 -7.76
C PHE A 11 8.25 -20.24 -6.89
N ASN A 12 9.52 -20.43 -7.19
CA ASN A 12 10.36 -21.38 -6.46
C ASN A 12 10.36 -21.27 -4.95
N ARG A 13 10.10 -20.07 -4.43
CA ARG A 13 10.11 -19.86 -2.99
C ARG A 13 8.81 -20.20 -2.25
N PHE A 14 7.77 -20.53 -2.99
CA PHE A 14 6.47 -20.83 -2.37
C PHE A 14 6.23 -22.19 -1.72
N PRO A 15 6.70 -23.28 -2.35
CA PRO A 15 6.50 -24.60 -1.74
C PRO A 15 6.79 -24.62 -0.25
N ARG A 16 7.93 -24.07 0.15
CA ARG A 16 8.30 -24.05 1.57
C ARG A 16 7.43 -23.09 2.38
N MET A 17 7.05 -21.96 1.79
CA MET A 17 6.21 -21.00 2.51
C MET A 17 4.83 -21.62 2.77
N VAL A 18 4.29 -22.30 1.76
CA VAL A 18 2.99 -22.95 1.87
C VAL A 18 2.97 -24.06 2.94
N ARG A 19 4.02 -24.87 2.95
CA ARG A 19 4.15 -25.95 3.91
C ARG A 19 4.19 -25.41 5.34
N ASP A 20 5.03 -24.40 5.56
CA ASP A 20 5.13 -23.81 6.89
C ASP A 20 3.83 -23.17 7.33
N LEU A 21 3.12 -22.53 6.40
CA LEU A 21 1.85 -21.89 6.73
C LEU A 21 0.81 -22.94 7.08
N ALA A 22 0.76 -24.02 6.31
CA ALA A 22 -0.21 -25.08 6.57
C ALA A 22 -0.01 -25.71 7.95
N LYS A 23 1.24 -25.98 8.31
CA LYS A 23 1.55 -26.59 9.61
C LYS A 23 1.19 -25.63 10.74
N LYS A 24 1.41 -24.35 10.50
CA LYS A 24 1.12 -23.31 11.47
C LYS A 24 -0.38 -23.17 11.71
N MET A 25 -1.16 -23.36 10.65
CA MET A 25 -2.61 -23.22 10.73
C MET A 25 -3.36 -24.55 10.86
N ASN A 26 -2.64 -25.64 11.01
CA ASN A 26 -3.25 -26.96 11.15
C ASN A 26 -4.12 -27.34 9.95
N LYS A 27 -3.57 -27.11 8.76
CA LYS A 27 -4.27 -27.45 7.53
C LYS A 27 -3.40 -28.41 6.74
N GLU A 28 -4.03 -29.39 6.11
CA GLU A 28 -3.29 -30.34 5.29
C GLU A 28 -3.58 -29.96 3.86
N VAL A 29 -2.57 -29.46 3.17
CA VAL A 29 -2.75 -29.02 1.80
C VAL A 29 -1.77 -29.60 0.78
N ASN A 30 -2.30 -29.95 -0.38
CA ASN A 30 -1.48 -30.46 -1.46
C ASN A 30 -1.26 -29.24 -2.36
N PHE A 31 -0.03 -28.76 -2.41
CA PHE A 31 0.31 -27.58 -3.20
C PHE A 31 0.80 -27.94 -4.59
N ILE A 32 0.20 -27.35 -5.60
CA ILE A 32 0.56 -27.61 -6.99
C ILE A 32 0.93 -26.32 -7.73
N MET A 33 2.06 -26.34 -8.45
CA MET A 33 2.50 -25.16 -9.20
C MET A 33 2.56 -25.52 -10.68
N ARG A 34 2.01 -24.65 -11.53
CA ARG A 34 2.00 -24.88 -12.96
C ARG A 34 2.53 -23.72 -13.77
N GLY A 35 3.02 -24.02 -14.98
CA GLY A 35 3.54 -23.02 -15.88
C GLY A 35 4.66 -22.17 -15.31
N GLU A 36 5.55 -22.80 -14.53
CA GLU A 36 6.66 -22.08 -13.94
C GLU A 36 7.70 -21.63 -14.95
N ASP A 37 7.52 -22.02 -16.20
CA ASP A 37 8.43 -21.63 -17.27
C ASP A 37 7.91 -20.38 -17.99
N THR A 38 6.76 -19.90 -17.55
CA THR A 38 6.14 -18.73 -18.16
C THR A 38 6.98 -17.47 -17.97
N GLU A 39 7.43 -16.90 -19.09
CA GLU A 39 8.26 -15.69 -19.07
C GLU A 39 7.44 -14.41 -18.89
N LEU A 40 7.98 -13.48 -18.11
CA LEU A 40 7.33 -12.19 -17.87
C LEU A 40 8.38 -11.19 -17.42
N ASP A 41 8.07 -9.90 -17.56
CA ASP A 41 9.01 -8.85 -17.20
C ASP A 41 9.60 -8.99 -15.80
N ARG A 42 10.93 -8.96 -15.72
CA ARG A 42 11.66 -9.10 -14.46
C ARG A 42 11.05 -8.24 -13.36
N THR A 43 10.65 -7.03 -13.71
CA THR A 43 10.05 -6.10 -12.75
C THR A 43 8.83 -6.74 -12.10
N PHE A 44 7.93 -7.28 -12.91
CA PHE A 44 6.73 -7.91 -12.39
C PHE A 44 7.10 -9.07 -11.48
N VAL A 45 8.09 -9.84 -11.89
CA VAL A 45 8.54 -10.98 -11.12
C VAL A 45 8.96 -10.57 -9.72
N GLU A 46 9.72 -9.48 -9.62
CA GLU A 46 10.20 -9.00 -8.33
C GLU A 46 9.07 -8.47 -7.45
N GLU A 47 8.09 -7.80 -8.07
CA GLU A 47 6.99 -7.19 -7.34
C GLU A 47 5.79 -8.07 -7.01
N ILE A 48 5.58 -9.14 -7.76
CA ILE A 48 4.42 -9.99 -7.55
C ILE A 48 4.52 -10.98 -6.39
N GLY A 49 5.72 -11.14 -5.85
CA GLY A 49 5.91 -12.07 -4.76
C GLY A 49 5.01 -11.80 -3.56
N GLU A 50 5.07 -10.57 -3.05
CA GLU A 50 4.27 -10.20 -1.90
C GLU A 50 2.78 -10.49 -2.11
N PRO A 51 2.20 -9.98 -3.21
CA PRO A 51 0.78 -10.24 -3.47
C PRO A 51 0.41 -11.72 -3.51
N LEU A 52 1.17 -12.50 -4.28
CA LEU A 52 0.88 -13.93 -4.37
C LEU A 52 0.92 -14.58 -2.98
N LEU A 53 1.88 -14.19 -2.16
CA LEU A 53 1.97 -14.74 -0.83
C LEU A 53 0.68 -14.46 -0.07
N HIS A 54 0.17 -13.23 -0.21
CA HIS A 54 -1.07 -12.84 0.45
C HIS A 54 -2.25 -13.71 0.01
N LEU A 55 -2.29 -14.04 -1.28
CA LEU A 55 -3.38 -14.87 -1.80
C LEU A 55 -3.27 -16.32 -1.36
N LEU A 56 -2.04 -16.82 -1.34
CA LEU A 56 -1.78 -18.19 -0.90
C LEU A 56 -2.15 -18.32 0.56
N ARG A 57 -1.74 -17.35 1.36
CA ARG A 57 -2.06 -17.36 2.79
C ARG A 57 -3.58 -17.33 2.98
N ASN A 58 -4.25 -16.50 2.19
CA ASN A 58 -5.71 -16.43 2.28
C ASN A 58 -6.35 -17.79 2.06
N ALA A 59 -5.84 -18.52 1.06
CA ALA A 59 -6.39 -19.82 0.74
C ALA A 59 -6.19 -20.80 1.89
N ILE A 60 -5.01 -20.76 2.49
CA ILE A 60 -4.69 -21.67 3.58
C ILE A 60 -5.42 -21.35 4.87
N ASP A 61 -5.73 -20.07 5.06
CA ASP A 61 -6.42 -19.59 6.25
C ASP A 61 -7.94 -19.67 6.13
N HIS A 62 -8.48 -18.84 5.24
CA HIS A 62 -9.94 -18.76 5.04
C HIS A 62 -10.54 -19.86 4.15
N GLY A 63 -9.78 -20.34 3.18
CA GLY A 63 -10.31 -21.33 2.26
C GLY A 63 -10.26 -22.79 2.65
N ILE A 64 -9.07 -23.38 2.58
CA ILE A 64 -8.93 -24.79 2.92
C ILE A 64 -9.34 -25.06 4.36
N GLU A 65 -10.29 -25.98 4.55
CA GLU A 65 -10.77 -26.32 5.88
C GLU A 65 -9.88 -27.42 6.44
N PRO A 66 -9.82 -27.56 7.78
CA PRO A 66 -9.01 -28.60 8.41
C PRO A 66 -9.48 -29.96 7.88
N LYS A 67 -8.57 -30.92 7.77
CA LYS A 67 -8.93 -32.25 7.26
C LYS A 67 -10.16 -32.81 7.94
N GLU A 68 -10.23 -32.69 9.27
CA GLU A 68 -11.37 -33.21 10.02
C GLU A 68 -12.69 -32.59 9.55
N GLU A 69 -12.65 -31.32 9.16
CA GLU A 69 -13.86 -30.66 8.70
C GLU A 69 -14.22 -31.08 7.28
N ARG A 70 -13.21 -31.19 6.42
CA ARG A 70 -13.48 -31.60 5.04
C ARG A 70 -14.13 -32.99 5.08
N ILE A 71 -13.61 -33.87 5.94
CA ILE A 71 -14.18 -35.22 6.05
C ILE A 71 -15.65 -35.12 6.43
N ALA A 72 -15.94 -34.43 7.51
CA ALA A 72 -17.31 -34.26 7.99
C ALA A 72 -18.23 -33.67 6.91
N LYS A 73 -17.67 -32.81 6.06
CA LYS A 73 -18.42 -32.17 4.99
C LYS A 73 -18.61 -33.03 3.74
N GLY A 74 -17.89 -34.15 3.68
CA GLY A 74 -18.02 -35.02 2.52
C GLY A 74 -17.22 -34.54 1.33
N LYS A 75 -15.99 -34.09 1.59
CA LYS A 75 -15.08 -33.60 0.56
C LYS A 75 -13.77 -34.36 0.68
N PRO A 76 -12.89 -34.28 -0.35
CA PRO A 76 -11.61 -34.99 -0.27
C PRO A 76 -10.91 -34.50 1.00
N PRO A 77 -10.32 -35.41 1.79
CA PRO A 77 -9.63 -35.05 3.03
C PRO A 77 -8.61 -33.93 2.92
N ILE A 78 -7.69 -34.07 1.97
CA ILE A 78 -6.63 -33.08 1.77
C ILE A 78 -7.10 -31.96 0.86
N GLY A 79 -6.76 -30.72 1.25
CA GLY A 79 -7.15 -29.59 0.44
C GLY A 79 -6.16 -29.44 -0.70
N THR A 80 -6.60 -28.84 -1.78
CA THR A 80 -5.76 -28.62 -2.95
C THR A 80 -5.60 -27.12 -3.19
N LEU A 81 -4.36 -26.68 -3.38
CA LEU A 81 -4.06 -25.27 -3.63
C LEU A 81 -3.21 -25.22 -4.89
N ILE A 82 -3.67 -24.46 -5.89
CA ILE A 82 -2.95 -24.39 -7.16
C ILE A 82 -2.49 -23.00 -7.55
N LEU A 83 -1.20 -22.87 -7.85
CA LEU A 83 -0.62 -21.60 -8.28
C LEU A 83 -0.14 -21.82 -9.71
N SER A 84 -0.71 -21.09 -10.66
CA SER A 84 -0.31 -21.28 -12.04
C SER A 84 -0.13 -19.98 -12.82
N ALA A 85 0.60 -20.10 -13.94
CA ALA A 85 0.86 -18.98 -14.83
C ALA A 85 0.69 -19.47 -16.26
N ARG A 86 0.13 -18.63 -17.11
CA ARG A 86 -0.07 -18.99 -18.51
C ARG A 86 -0.21 -17.73 -19.34
N HIS A 87 -0.16 -17.92 -20.65
CA HIS A 87 -0.30 -16.82 -21.59
C HIS A 87 -1.72 -16.81 -22.13
N GLU A 88 -2.30 -15.62 -22.22
CA GLU A 88 -3.64 -15.46 -22.77
C GLU A 88 -3.52 -14.21 -23.63
N GLY A 89 -3.19 -14.40 -24.90
CA GLY A 89 -3.03 -13.27 -25.79
C GLY A 89 -1.81 -12.49 -25.36
N ASN A 90 -1.94 -11.17 -25.25
CA ASN A 90 -0.82 -10.32 -24.86
C ASN A 90 -0.79 -10.07 -23.35
N ASN A 91 -1.24 -11.05 -22.58
CA ASN A 91 -1.24 -10.93 -21.13
C ASN A 91 -0.77 -12.22 -20.49
N VAL A 92 -0.13 -12.10 -19.34
CA VAL A 92 0.29 -13.26 -18.58
C VAL A 92 -0.78 -13.36 -17.51
N VAL A 93 -1.33 -14.55 -17.33
CA VAL A 93 -2.39 -14.74 -16.35
C VAL A 93 -1.90 -15.65 -15.23
N ILE A 94 -2.01 -15.16 -14.00
CA ILE A 94 -1.60 -15.92 -12.83
C ILE A 94 -2.86 -16.20 -12.02
N GLU A 95 -3.02 -17.45 -11.59
CA GLU A 95 -4.21 -17.82 -10.83
C GLU A 95 -3.87 -18.56 -9.54
N VAL A 96 -4.61 -18.24 -8.48
CA VAL A 96 -4.44 -18.89 -7.19
C VAL A 96 -5.79 -19.51 -6.91
N GLU A 97 -5.87 -20.84 -6.97
CA GLU A 97 -7.15 -21.50 -6.75
C GLU A 97 -7.09 -22.56 -5.66
N ASP A 98 -8.13 -22.63 -4.86
CA ASP A 98 -8.20 -23.60 -3.78
C ASP A 98 -9.58 -24.28 -3.86
N ASP A 99 -9.71 -25.47 -3.28
CA ASP A 99 -11.01 -26.16 -3.30
C ASP A 99 -11.59 -26.16 -1.88
N GLY A 100 -11.44 -25.02 -1.22
CA GLY A 100 -11.90 -24.86 0.14
C GLY A 100 -13.38 -24.56 0.31
N ARG A 101 -13.73 -23.92 1.41
CA ARG A 101 -15.11 -23.59 1.72
C ARG A 101 -15.69 -22.47 0.87
N GLY A 102 -14.83 -21.70 0.23
CA GLY A 102 -15.29 -20.59 -0.58
C GLY A 102 -15.56 -19.31 0.21
N ILE A 103 -15.48 -18.17 -0.46
CA ILE A 103 -15.74 -16.89 0.19
C ILE A 103 -17.18 -16.85 0.70
N ASP A 104 -17.35 -16.50 1.96
CA ASP A 104 -18.68 -16.42 2.56
C ASP A 104 -19.34 -15.13 2.08
N LYS A 105 -20.18 -15.23 1.06
CA LYS A 105 -20.84 -14.06 0.50
C LYS A 105 -21.90 -13.43 1.41
N GLU A 106 -22.53 -14.25 2.25
CA GLU A 106 -23.56 -13.71 3.13
C GLU A 106 -22.87 -12.83 4.16
N LYS A 107 -21.68 -13.27 4.58
CA LYS A 107 -20.88 -12.53 5.53
C LYS A 107 -20.57 -11.15 4.96
N ILE A 108 -20.19 -11.12 3.69
CA ILE A 108 -19.86 -9.87 3.04
C ILE A 108 -21.09 -8.96 3.03
N ILE A 109 -22.23 -9.51 2.61
CA ILE A 109 -23.48 -8.75 2.56
C ILE A 109 -23.82 -8.17 3.92
N ARG A 110 -23.75 -8.99 4.97
CA ARG A 110 -24.05 -8.53 6.32
C ARG A 110 -23.13 -7.39 6.73
N LYS A 111 -21.86 -7.48 6.36
CA LYS A 111 -20.91 -6.43 6.69
C LYS A 111 -21.25 -5.14 5.96
N ALA A 112 -21.64 -5.25 4.69
CA ALA A 112 -21.98 -4.08 3.90
C ALA A 112 -23.21 -3.39 4.47
N ILE A 113 -24.16 -4.19 4.95
CA ILE A 113 -25.36 -3.62 5.55
C ILE A 113 -24.96 -2.93 6.86
N GLU A 114 -24.14 -3.60 7.67
CA GLU A 114 -23.73 -3.02 8.95
C GLU A 114 -22.96 -1.71 8.77
N LYS A 115 -22.25 -1.57 7.66
CA LYS A 115 -21.47 -0.37 7.40
C LYS A 115 -22.27 0.69 6.67
N GLY A 116 -23.54 0.40 6.41
CA GLY A 116 -24.41 1.35 5.74
C GLY A 116 -24.18 1.55 4.25
N LEU A 117 -23.47 0.63 3.60
CA LEU A 117 -23.23 0.75 2.16
C LEU A 117 -24.46 0.38 1.34
N ILE A 118 -25.27 -0.51 1.88
CA ILE A 118 -26.50 -0.95 1.24
C ILE A 118 -27.51 -1.27 2.33
N ASP A 119 -28.78 -1.33 1.96
CA ASP A 119 -29.81 -1.68 2.91
C ASP A 119 -30.11 -3.14 2.57
N GLU A 120 -31.07 -3.75 3.24
CA GLU A 120 -31.37 -5.15 2.96
C GLU A 120 -32.00 -5.37 1.58
N SER A 121 -33.01 -4.58 1.24
CA SER A 121 -33.67 -4.73 -0.04
C SER A 121 -32.66 -4.72 -1.19
N LYS A 122 -31.71 -3.79 -1.15
CA LYS A 122 -30.69 -3.70 -2.18
C LYS A 122 -29.75 -4.91 -2.15
N ALA A 123 -29.42 -5.37 -0.95
CA ALA A 123 -28.51 -6.51 -0.80
C ALA A 123 -29.07 -7.75 -1.51
N ALA A 124 -30.40 -7.87 -1.50
CA ALA A 124 -31.05 -9.01 -2.12
C ALA A 124 -30.95 -9.02 -3.64
N THR A 125 -30.67 -7.87 -4.24
CA THR A 125 -30.56 -7.79 -5.70
C THR A 125 -29.14 -7.85 -6.24
N LEU A 126 -28.15 -7.86 -5.35
CA LEU A 126 -26.75 -7.89 -5.77
C LEU A 126 -26.33 -9.18 -6.44
N SER A 127 -25.45 -9.08 -7.44
CA SER A 127 -24.94 -10.25 -8.14
C SER A 127 -23.73 -10.72 -7.37
N ASP A 128 -23.29 -11.96 -7.60
CA ASP A 128 -22.12 -12.47 -6.91
C ASP A 128 -20.90 -11.58 -7.12
N GLN A 129 -20.66 -11.15 -8.36
CA GLN A 129 -19.50 -10.30 -8.63
C GLN A 129 -19.59 -9.00 -7.85
N GLU A 130 -20.81 -8.48 -7.74
CA GLU A 130 -21.05 -7.24 -7.02
C GLU A 130 -20.72 -7.43 -5.54
N ILE A 131 -21.09 -8.58 -5.01
CA ILE A 131 -20.83 -8.89 -3.60
C ILE A 131 -19.33 -9.04 -3.36
N LEU A 132 -18.67 -9.86 -4.17
CA LEU A 132 -17.24 -10.07 -4.03
C LEU A 132 -16.40 -8.81 -4.16
N ASN A 133 -16.84 -7.85 -4.96
CA ASN A 133 -16.04 -6.65 -5.13
C ASN A 133 -15.94 -5.77 -3.88
N PHE A 134 -16.73 -6.09 -2.86
CA PHE A 134 -16.65 -5.33 -1.62
C PHE A 134 -15.31 -5.60 -0.96
N LEU A 135 -14.71 -6.74 -1.32
CA LEU A 135 -13.42 -7.13 -0.78
C LEU A 135 -12.32 -6.18 -1.23
N PHE A 136 -12.62 -5.36 -2.24
CA PHE A 136 -11.64 -4.41 -2.75
C PHE A 136 -11.82 -3.02 -2.20
N VAL A 137 -12.94 -2.79 -1.51
CA VAL A 137 -13.20 -1.48 -0.92
C VAL A 137 -12.22 -1.29 0.24
N PRO A 138 -11.34 -0.27 0.14
CA PRO A 138 -10.38 -0.06 1.23
C PRO A 138 -11.06 0.11 2.58
N GLY A 139 -10.58 -0.62 3.58
CA GLY A 139 -11.16 -0.53 4.90
C GLY A 139 -12.33 -1.48 5.15
N PHE A 140 -12.85 -2.10 4.10
CA PHE A 140 -13.98 -3.02 4.26
C PHE A 140 -13.64 -4.18 5.18
N SER A 141 -12.52 -4.84 4.90
CA SER A 141 -12.09 -5.97 5.71
C SER A 141 -11.26 -5.59 6.93
N THR A 142 -11.48 -6.36 8.00
CA THR A 142 -10.84 -6.22 9.29
C THR A 142 -9.39 -6.64 9.33
N LYS A 143 -8.62 -5.99 10.19
CA LYS A 143 -7.19 -6.22 10.40
C LYS A 143 -6.67 -7.56 9.93
N ARG A 152 0.81 -2.50 7.54
CA ARG A 152 1.45 -3.24 6.42
C ARG A 152 0.43 -3.33 5.30
N GLY A 153 -0.80 -3.07 5.64
CA GLY A 153 -1.84 -3.07 4.64
C GLY A 153 -2.33 -4.51 4.62
N VAL A 154 -3.64 -4.71 4.70
CA VAL A 154 -4.20 -6.04 4.69
C VAL A 154 -3.83 -6.98 3.53
N GLY A 155 -4.84 -7.68 3.02
CA GLY A 155 -4.62 -8.61 1.92
C GLY A 155 -5.12 -8.13 0.56
N MET A 156 -6.43 -8.09 0.35
CA MET A 156 -6.97 -7.70 -0.95
C MET A 156 -6.64 -6.28 -1.40
N ASP A 157 -6.58 -5.37 -0.44
CA ASP A 157 -6.25 -3.98 -0.76
C ASP A 157 -4.84 -3.89 -1.28
N VAL A 158 -3.90 -4.54 -0.60
CA VAL A 158 -2.51 -4.52 -1.01
C VAL A 158 -2.31 -5.27 -2.32
N VAL A 159 -3.04 -6.36 -2.50
CA VAL A 159 -2.91 -7.15 -3.73
C VAL A 159 -3.38 -6.35 -4.94
N LYS A 160 -4.52 -5.68 -4.82
CA LYS A 160 -5.06 -4.91 -5.93
C LYS A 160 -4.18 -3.70 -6.26
N ASN A 161 -3.66 -3.03 -5.23
CA ASN A 161 -2.82 -1.86 -5.44
C ASN A 161 -1.48 -2.18 -6.09
N VAL A 162 -0.84 -3.26 -5.64
CA VAL A 162 0.43 -3.64 -6.24
C VAL A 162 0.18 -4.07 -7.68
N VAL A 163 -0.86 -4.87 -7.88
CA VAL A 163 -1.18 -5.35 -9.22
C VAL A 163 -1.50 -4.19 -10.16
N GLU A 164 -2.28 -3.22 -9.69
CA GLU A 164 -2.62 -2.12 -10.58
C GLU A 164 -1.44 -1.19 -10.82
N SER A 165 -0.44 -1.20 -9.93
CA SER A 165 0.74 -0.36 -10.13
C SER A 165 1.58 -0.95 -11.27
N LEU A 166 1.31 -2.20 -11.61
CA LEU A 166 2.01 -2.90 -12.70
C LEU A 166 1.11 -2.87 -13.92
N ASN A 167 0.07 -2.03 -13.86
CA ASN A 167 -0.91 -1.93 -14.94
C ASN A 167 -1.59 -3.28 -15.14
N GLY A 168 -1.75 -4.01 -14.06
CA GLY A 168 -2.42 -5.30 -14.14
C GLY A 168 -3.86 -5.20 -13.68
N SER A 169 -4.55 -6.33 -13.65
CA SER A 169 -5.93 -6.38 -13.23
C SER A 169 -6.13 -7.65 -12.40
N ILE A 170 -7.11 -7.61 -11.50
CA ILE A 170 -7.40 -8.76 -10.64
C ILE A 170 -8.90 -9.01 -10.52
N SER A 171 -9.27 -10.28 -10.54
CA SER A 171 -10.67 -10.66 -10.40
C SER A 171 -10.79 -11.82 -9.43
N ILE A 172 -11.96 -11.95 -8.83
CA ILE A 172 -12.21 -13.01 -7.87
C ILE A 172 -13.42 -13.82 -8.29
N GLU A 173 -13.36 -15.12 -8.01
CA GLU A 173 -14.42 -16.04 -8.37
C GLU A 173 -14.53 -17.05 -7.23
N SER A 174 -15.75 -17.38 -6.80
CA SER A 174 -15.91 -18.32 -5.71
C SER A 174 -17.28 -18.99 -5.64
N GLU A 175 -17.29 -20.22 -5.15
CA GLU A 175 -18.53 -20.98 -4.99
C GLU A 175 -18.51 -21.70 -3.66
N LYS A 176 -19.58 -21.51 -2.90
CA LYS A 176 -19.70 -22.11 -1.58
C LYS A 176 -19.29 -23.59 -1.58
N ASP A 177 -18.38 -23.92 -0.67
CA ASP A 177 -17.86 -25.26 -0.48
C ASP A 177 -17.10 -25.84 -1.68
N LYS A 178 -17.00 -25.08 -2.76
CA LYS A 178 -16.28 -25.54 -3.95
C LYS A 178 -14.87 -24.93 -4.02
N GLY A 179 -14.76 -23.68 -3.58
CA GLY A 179 -13.45 -23.05 -3.59
C GLY A 179 -13.43 -21.61 -4.08
N THR A 180 -12.22 -21.08 -4.20
CA THR A 180 -12.04 -19.70 -4.64
C THR A 180 -10.89 -19.61 -5.63
N LYS A 181 -11.06 -18.77 -6.64
CA LYS A 181 -10.00 -18.57 -7.64
C LYS A 181 -9.77 -17.08 -7.83
N VAL A 182 -8.54 -16.65 -7.56
CA VAL A 182 -8.17 -15.26 -7.76
C VAL A 182 -7.33 -15.26 -9.02
N THR A 183 -7.63 -14.34 -9.93
CA THR A 183 -6.94 -14.24 -11.21
C THR A 183 -6.25 -12.89 -11.36
N ILE A 184 -4.98 -12.91 -11.75
CA ILE A 184 -4.20 -11.70 -11.94
C ILE A 184 -3.74 -11.63 -13.40
N ARG A 185 -4.00 -10.51 -14.05
CA ARG A 185 -3.61 -10.33 -15.44
C ARG A 185 -2.52 -9.27 -15.53
N LEU A 186 -1.36 -9.64 -16.07
CA LEU A 186 -0.26 -8.68 -16.21
C LEU A 186 -0.03 -8.43 -17.69
N PRO A 187 0.34 -7.20 -18.04
CA PRO A 187 0.58 -6.85 -19.45
C PRO A 187 1.90 -7.34 -20.02
N LEU A 188 1.92 -7.48 -21.33
CA LEU A 188 3.12 -7.91 -22.03
C LEU A 188 3.94 -6.63 -22.18
N THR A 189 5.25 -6.75 -22.09
CA THR A 189 6.13 -5.59 -22.20
C THR A 189 6.99 -5.59 -23.47
N SER B 2 -9.71 14.90 24.98
CA SER B 2 -10.85 15.85 25.03
C SER B 2 -11.95 15.54 24.02
N HIS B 3 -11.82 16.06 22.81
CA HIS B 3 -12.84 15.84 21.80
C HIS B 3 -12.29 15.24 20.52
N MET B 4 -12.45 13.92 20.41
CA MET B 4 -11.95 13.16 19.26
C MET B 4 -12.92 13.13 18.08
N VAL B 5 -12.35 13.18 16.88
CA VAL B 5 -13.11 13.10 15.64
C VAL B 5 -12.25 12.28 14.68
N PRO B 6 -12.87 11.54 13.74
CA PRO B 6 -12.10 10.74 12.79
C PRO B 6 -11.21 11.62 11.92
N ILE B 7 -10.04 11.10 11.56
CA ILE B 7 -9.10 11.88 10.76
C ILE B 7 -9.56 12.10 9.33
N SER B 8 -10.66 11.46 8.95
CA SER B 8 -11.22 11.62 7.62
C SER B 8 -11.54 13.10 7.38
N PHE B 9 -11.73 13.85 8.46
CA PHE B 9 -12.01 15.28 8.33
C PHE B 9 -10.80 15.96 7.72
N VAL B 10 -9.63 15.36 7.94
CA VAL B 10 -8.39 15.88 7.41
C VAL B 10 -8.06 15.25 6.06
N PHE B 11 -8.29 13.93 5.96
CA PHE B 11 -7.97 13.17 4.75
C PHE B 11 -8.89 13.30 3.54
N ASN B 12 -10.19 13.52 3.77
CA ASN B 12 -11.17 13.59 2.69
C ASN B 12 -10.81 14.39 1.44
N ARG B 13 -10.21 15.56 1.61
CA ARG B 13 -9.88 16.40 0.46
C ARG B 13 -8.62 16.02 -0.33
N PHE B 14 -7.81 15.11 0.20
CA PHE B 14 -6.57 14.75 -0.47
C PHE B 14 -6.67 13.96 -1.80
N PRO B 15 -7.54 12.94 -1.87
CA PRO B 15 -7.63 12.19 -3.13
C PRO B 15 -7.74 13.08 -4.37
N ARG B 16 -8.62 14.07 -4.30
CA ARG B 16 -8.80 15.01 -5.41
C ARG B 16 -7.56 15.89 -5.62
N MET B 17 -6.97 16.37 -4.53
CA MET B 17 -5.80 17.22 -4.66
C MET B 17 -4.59 16.46 -5.22
N VAL B 18 -4.48 15.18 -4.86
CA VAL B 18 -3.38 14.34 -5.34
C VAL B 18 -3.61 14.08 -6.83
N ARG B 19 -4.86 13.81 -7.18
CA ARG B 19 -5.22 13.55 -8.58
C ARG B 19 -4.80 14.73 -9.46
N ASP B 20 -5.21 15.93 -9.07
CA ASP B 20 -4.90 17.14 -9.83
C ASP B 20 -3.41 17.44 -9.85
N LEU B 21 -2.76 17.29 -8.71
CA LEU B 21 -1.33 17.55 -8.62
C LEU B 21 -0.53 16.62 -9.53
N ALA B 22 -0.86 15.34 -9.48
CA ALA B 22 -0.16 14.35 -10.30
C ALA B 22 -0.37 14.66 -11.78
N LYS B 23 -1.59 15.05 -12.13
CA LYS B 23 -1.92 15.38 -13.51
C LYS B 23 -1.16 16.61 -13.98
N LYS B 24 -1.02 17.59 -13.09
CA LYS B 24 -0.32 18.83 -13.41
C LYS B 24 1.18 18.59 -13.63
N MET B 25 1.78 17.71 -12.84
CA MET B 25 3.20 17.41 -12.96
C MET B 25 3.46 16.15 -13.79
N ASN B 26 2.42 15.75 -14.50
CA ASN B 26 2.38 14.54 -15.32
C ASN B 26 3.13 13.36 -14.72
N LYS B 27 2.61 12.91 -13.58
CA LYS B 27 3.17 11.78 -12.88
C LYS B 27 2.03 10.77 -12.79
N GLU B 28 2.38 9.49 -12.87
CA GLU B 28 1.40 8.43 -12.76
C GLU B 28 1.45 8.07 -11.29
N VAL B 29 0.37 8.33 -10.55
CA VAL B 29 0.36 8.05 -9.13
C VAL B 29 -0.89 7.34 -8.62
N ASN B 30 -0.68 6.24 -7.90
CA ASN B 30 -1.79 5.53 -7.29
C ASN B 30 -1.74 5.99 -5.84
N PHE B 31 -2.76 6.72 -5.42
CA PHE B 31 -2.85 7.26 -4.07
C PHE B 31 -3.65 6.33 -3.16
N ILE B 32 -3.01 5.92 -2.07
CA ILE B 32 -3.64 5.02 -1.10
C ILE B 32 -3.79 5.66 0.27
N MET B 33 -5.03 5.71 0.77
CA MET B 33 -5.28 6.27 2.08
C MET B 33 -5.77 5.13 2.98
N ARG B 34 -5.15 4.99 4.15
CA ARG B 34 -5.53 3.95 5.08
C ARG B 34 -5.78 4.54 6.47
N GLY B 35 -6.75 3.96 7.18
CA GLY B 35 -7.07 4.41 8.52
C GLY B 35 -7.78 5.74 8.66
N GLU B 36 -8.67 6.08 7.73
CA GLU B 36 -9.39 7.35 7.84
C GLU B 36 -10.28 7.42 9.07
N ASP B 37 -10.63 6.26 9.64
CA ASP B 37 -11.48 6.24 10.83
C ASP B 37 -10.69 6.52 12.10
N THR B 38 -9.36 6.52 12.01
CA THR B 38 -8.50 6.79 13.16
C THR B 38 -8.83 8.15 13.75
N GLU B 39 -9.11 8.21 15.04
CA GLU B 39 -9.46 9.50 15.65
C GLU B 39 -8.30 10.27 16.28
N LEU B 40 -8.45 11.58 16.34
CA LEU B 40 -7.46 12.46 16.91
C LEU B 40 -8.17 13.68 17.48
N ASP B 41 -7.47 14.44 18.30
CA ASP B 41 -8.07 15.62 18.91
C ASP B 41 -8.59 16.56 17.83
N ARG B 42 -9.82 17.05 18.02
CA ARG B 42 -10.42 17.94 17.04
C ARG B 42 -9.63 19.23 16.88
N THR B 43 -8.82 19.59 17.86
CA THR B 43 -8.03 20.81 17.75
C THR B 43 -6.77 20.61 16.91
N PHE B 44 -6.59 19.40 16.38
CA PHE B 44 -5.44 19.06 15.55
C PHE B 44 -5.82 19.12 14.07
N VAL B 45 -7.11 18.99 13.79
CA VAL B 45 -7.62 18.96 12.43
C VAL B 45 -7.16 20.07 11.50
N GLU B 46 -7.43 21.31 11.88
CA GLU B 46 -7.07 22.45 11.06
C GLU B 46 -5.57 22.62 10.87
N GLU B 47 -4.81 22.46 11.95
CA GLU B 47 -3.36 22.63 11.93
C GLU B 47 -2.53 21.59 11.19
N ILE B 48 -2.97 20.34 11.20
CA ILE B 48 -2.22 19.28 10.57
C ILE B 48 -2.47 19.15 9.06
N GLY B 49 -3.55 19.77 8.59
CA GLY B 49 -3.90 19.70 7.18
C GLY B 49 -2.91 20.22 6.15
N GLU B 50 -2.51 21.48 6.26
CA GLU B 50 -1.57 22.03 5.29
C GLU B 50 -0.22 21.31 5.38
N PRO B 51 0.24 21.01 6.60
CA PRO B 51 1.53 20.30 6.66
C PRO B 51 1.47 18.97 5.89
N LEU B 52 0.37 18.23 6.04
CA LEU B 52 0.23 16.95 5.33
C LEU B 52 0.14 17.15 3.82
N LEU B 53 -0.60 18.16 3.40
CA LEU B 53 -0.72 18.44 1.97
C LEU B 53 0.67 18.66 1.38
N HIS B 54 1.50 19.38 2.12
CA HIS B 54 2.85 19.67 1.66
C HIS B 54 3.70 18.42 1.48
N LEU B 55 3.54 17.46 2.37
CA LEU B 55 4.29 16.21 2.27
C LEU B 55 3.78 15.44 1.05
N LEU B 56 2.48 15.51 0.78
CA LEU B 56 1.92 14.81 -0.37
C LEU B 56 2.47 15.47 -1.64
N ARG B 57 2.50 16.81 -1.64
CA ARG B 57 3.01 17.54 -2.80
C ARG B 57 4.46 17.19 -3.05
N ASN B 58 5.25 17.11 -1.97
CA ASN B 58 6.66 16.77 -2.11
C ASN B 58 6.82 15.41 -2.75
N ALA B 59 5.97 14.47 -2.36
CA ALA B 59 6.07 13.11 -2.91
C ALA B 59 5.81 13.11 -4.41
N ILE B 60 4.76 13.80 -4.81
CA ILE B 60 4.37 13.88 -6.21
C ILE B 60 5.39 14.66 -7.04
N ASP B 61 5.84 15.79 -6.51
CA ASP B 61 6.80 16.64 -7.21
C ASP B 61 8.23 16.12 -7.22
N HIS B 62 8.80 15.88 -6.04
CA HIS B 62 10.18 15.44 -5.92
C HIS B 62 10.43 13.93 -5.84
N GLY B 63 9.44 13.17 -5.35
CA GLY B 63 9.62 11.74 -5.22
C GLY B 63 9.30 10.87 -6.44
N ILE B 64 8.02 10.70 -6.72
CA ILE B 64 7.62 9.88 -7.86
C ILE B 64 8.20 10.39 -9.16
N GLU B 65 8.95 9.53 -9.85
CA GLU B 65 9.58 9.89 -11.10
C GLU B 65 8.65 9.67 -12.28
N PRO B 66 8.92 10.32 -13.42
CA PRO B 66 8.06 10.15 -14.60
C PRO B 66 8.09 8.67 -15.00
N LYS B 67 7.01 8.19 -15.63
CA LYS B 67 6.94 6.78 -16.04
C LYS B 67 8.20 6.28 -16.72
N GLU B 68 8.71 7.05 -17.67
CA GLU B 68 9.90 6.66 -18.40
C GLU B 68 11.08 6.39 -17.48
N GLU B 69 11.26 7.25 -16.48
CA GLU B 69 12.37 7.10 -15.55
C GLU B 69 12.18 5.91 -14.62
N ARG B 70 10.94 5.63 -14.23
CA ARG B 70 10.66 4.50 -13.34
C ARG B 70 10.89 3.19 -14.10
N ILE B 71 10.56 3.20 -15.39
CA ILE B 71 10.76 2.01 -16.21
C ILE B 71 12.25 1.75 -16.38
N ALA B 72 13.02 2.81 -16.53
CA ALA B 72 14.47 2.68 -16.69
C ALA B 72 15.05 2.08 -15.42
N LYS B 73 14.53 2.48 -14.26
CA LYS B 73 15.02 2.00 -12.98
C LYS B 73 14.51 0.60 -12.64
N GLY B 74 13.65 0.05 -13.50
CA GLY B 74 13.11 -1.27 -13.23
C GLY B 74 12.07 -1.25 -12.13
N LYS B 75 11.35 -0.14 -12.03
CA LYS B 75 10.31 0.01 -11.01
C LYS B 75 8.91 -0.12 -11.60
N PRO B 76 7.90 -0.28 -10.75
CA PRO B 76 6.55 -0.38 -11.30
C PRO B 76 6.34 0.94 -12.04
N PRO B 77 5.69 0.91 -13.21
CA PRO B 77 5.46 2.13 -13.99
C PRO B 77 4.80 3.23 -13.16
N ILE B 78 3.74 2.83 -12.45
CA ILE B 78 2.98 3.75 -11.63
C ILE B 78 3.59 3.87 -10.23
N GLY B 79 3.76 5.12 -9.79
CA GLY B 79 4.30 5.36 -8.46
C GLY B 79 3.22 5.13 -7.42
N THR B 80 3.63 4.83 -6.19
CA THR B 80 2.67 4.60 -5.12
C THR B 80 2.87 5.62 -4.00
N LEU B 81 1.78 6.28 -3.60
CA LEU B 81 1.80 7.29 -2.54
C LEU B 81 0.82 6.82 -1.48
N ILE B 82 1.32 6.55 -0.28
CA ILE B 82 0.45 6.07 0.79
C ILE B 82 0.37 7.01 1.99
N LEU B 83 -0.87 7.40 2.32
CA LEU B 83 -1.14 8.24 3.47
C LEU B 83 -1.88 7.33 4.45
N SER B 84 -1.33 7.14 5.64
CA SER B 84 -1.98 6.27 6.62
C SER B 84 -2.03 6.87 8.01
N ALA B 85 -2.99 6.41 8.79
CA ALA B 85 -3.14 6.87 10.17
C ALA B 85 -3.52 5.67 11.03
N ARG B 86 -3.08 5.69 12.28
CA ARG B 86 -3.38 4.60 13.19
C ARG B 86 -3.03 5.01 14.61
N HIS B 87 -3.49 4.21 15.56
CA HIS B 87 -3.18 4.45 16.97
C HIS B 87 -2.08 3.48 17.35
N GLU B 88 -1.02 4.03 17.95
CA GLU B 88 0.11 3.22 18.38
C GLU B 88 0.43 3.68 19.78
N GLY B 89 -0.17 3.03 20.77
CA GLY B 89 0.05 3.41 22.15
C GLY B 89 -0.75 4.65 22.46
N ASN B 90 -0.13 5.62 23.13
CA ASN B 90 -0.83 6.85 23.45
C ASN B 90 -0.70 7.89 22.34
N ASN B 91 -0.38 7.43 21.14
CA ASN B 91 -0.20 8.36 20.04
C ASN B 91 -0.90 8.03 18.73
N VAL B 92 -1.12 9.08 17.95
CA VAL B 92 -1.72 8.96 16.64
C VAL B 92 -0.51 8.98 15.73
N VAL B 93 -0.37 7.97 14.90
CA VAL B 93 0.74 7.88 13.98
C VAL B 93 0.22 8.09 12.56
N ILE B 94 0.83 9.05 11.87
CA ILE B 94 0.46 9.38 10.50
C ILE B 94 1.70 9.23 9.64
N GLU B 95 1.57 8.49 8.54
CA GLU B 95 2.69 8.26 7.64
C GLU B 95 2.38 8.72 6.23
N VAL B 96 3.42 9.23 5.57
CA VAL B 96 3.33 9.63 4.17
C VAL B 96 4.54 8.95 3.52
N GLU B 97 4.28 7.98 2.67
CA GLU B 97 5.35 7.25 2.01
C GLU B 97 5.18 7.09 0.52
N ASP B 98 6.27 7.27 -0.21
CA ASP B 98 6.27 7.12 -1.66
C ASP B 98 7.40 6.18 -2.05
N ASP B 99 7.28 5.55 -3.22
CA ASP B 99 8.34 4.67 -3.70
C ASP B 99 9.09 5.35 -4.83
N GLY B 100 9.36 6.64 -4.63
CA GLY B 100 10.06 7.44 -5.61
C GLY B 100 11.58 7.40 -5.56
N ARG B 101 12.23 8.43 -6.07
CA ARG B 101 13.70 8.44 -6.12
C ARG B 101 14.42 8.74 -4.82
N GLY B 102 13.68 9.15 -3.80
CA GLY B 102 14.30 9.44 -2.52
C GLY B 102 14.84 10.86 -2.47
N ILE B 103 15.09 11.35 -1.27
CA ILE B 103 15.62 12.70 -1.09
C ILE B 103 17.07 12.77 -1.57
N ASP B 104 17.41 13.81 -2.33
CA ASP B 104 18.78 13.97 -2.83
C ASP B 104 19.61 14.51 -1.67
N LYS B 105 20.30 13.63 -0.95
CA LYS B 105 21.09 14.04 0.20
C LYS B 105 22.30 14.88 -0.17
N GLU B 106 22.79 14.71 -1.39
CA GLU B 106 23.94 15.48 -1.83
C GLU B 106 23.48 16.92 -2.01
N LYS B 107 22.26 17.08 -2.50
CA LYS B 107 21.69 18.41 -2.71
C LYS B 107 21.43 19.09 -1.38
N ILE B 108 20.97 18.31 -0.40
CA ILE B 108 20.70 18.87 0.93
C ILE B 108 22.00 19.41 1.53
N ILE B 109 23.07 18.62 1.44
CA ILE B 109 24.35 19.05 1.97
C ILE B 109 24.79 20.35 1.30
N ARG B 110 24.69 20.40 -0.02
CA ARG B 110 25.09 21.62 -0.74
C ARG B 110 24.30 22.82 -0.23
N LYS B 111 23.00 22.65 -0.03
CA LYS B 111 22.17 23.73 0.48
C LYS B 111 22.57 24.14 1.89
N ALA B 112 22.82 23.14 2.74
CA ALA B 112 23.22 23.39 4.11
C ALA B 112 24.49 24.23 4.15
N ILE B 113 25.47 23.89 3.32
CA ILE B 113 26.72 24.64 3.25
C ILE B 113 26.43 26.06 2.77
N GLU B 114 25.58 26.17 1.74
CA GLU B 114 25.21 27.46 1.18
C GLU B 114 24.57 28.37 2.24
N LYS B 115 23.74 27.78 3.10
CA LYS B 115 23.05 28.54 4.14
C LYS B 115 23.87 28.72 5.42
N GLY B 116 25.16 28.41 5.35
CA GLY B 116 26.05 28.58 6.49
C GLY B 116 25.75 27.70 7.69
N LEU B 117 25.04 26.59 7.46
CA LEU B 117 24.68 25.67 8.54
C LEU B 117 25.79 24.69 8.86
N ILE B 118 26.68 24.47 7.90
CA ILE B 118 27.78 23.52 8.09
C ILE B 118 28.91 23.91 7.15
N ASP B 119 30.12 23.44 7.50
CA ASP B 119 31.31 23.69 6.71
C ASP B 119 31.46 22.48 5.80
N GLU B 120 32.18 22.63 4.71
CA GLU B 120 32.35 21.51 3.80
C GLU B 120 33.17 20.39 4.45
N SER B 121 34.10 20.76 5.32
CA SER B 121 34.92 19.75 5.98
C SER B 121 34.11 18.82 6.87
N LYS B 122 32.99 19.30 7.37
CA LYS B 122 32.13 18.51 8.25
C LYS B 122 31.09 17.66 7.49
N ALA B 123 30.87 18.00 6.23
CA ALA B 123 29.87 17.29 5.43
C ALA B 123 30.21 15.85 5.04
N ALA B 124 31.48 15.57 4.79
CA ALA B 124 31.86 14.23 4.36
C ALA B 124 31.44 13.11 5.31
N THR B 125 31.46 13.36 6.62
CA THR B 125 31.11 12.33 7.60
C THR B 125 29.69 12.35 8.16
N LEU B 126 28.86 13.26 7.69
CA LEU B 126 27.50 13.34 8.18
C LEU B 126 26.78 12.01 7.99
N SER B 127 25.93 11.65 8.95
CA SER B 127 25.15 10.42 8.85
C SER B 127 23.92 10.81 8.02
N ASP B 128 23.17 9.83 7.55
CA ASP B 128 21.97 10.14 6.76
C ASP B 128 20.98 10.93 7.60
N GLN B 129 20.87 10.57 8.86
CA GLN B 129 19.96 11.26 9.77
C GLN B 129 20.36 12.71 10.00
N GLU B 130 21.67 12.95 10.12
CA GLU B 130 22.14 14.30 10.33
C GLU B 130 21.85 15.14 9.07
N ILE B 131 21.96 14.51 7.91
CA ILE B 131 21.70 15.20 6.65
C ILE B 131 20.21 15.53 6.51
N LEU B 132 19.37 14.52 6.65
CA LEU B 132 17.93 14.72 6.54
C LEU B 132 17.42 15.73 7.57
N ASN B 133 18.09 15.80 8.72
CA ASN B 133 17.67 16.72 9.75
C ASN B 133 17.83 18.20 9.41
N PHE B 134 18.69 18.53 8.45
CA PHE B 134 18.87 19.91 8.03
C PHE B 134 17.54 20.44 7.53
N LEU B 135 16.74 19.54 6.97
CA LEU B 135 15.41 19.87 6.44
C LEU B 135 14.51 20.50 7.49
N PHE B 136 14.78 20.19 8.76
CA PHE B 136 13.96 20.70 9.87
C PHE B 136 14.46 22.02 10.43
N VAL B 137 15.60 22.50 9.92
CA VAL B 137 16.14 23.77 10.40
C VAL B 137 15.30 24.91 9.86
N PRO B 138 14.77 25.76 10.74
CA PRO B 138 13.95 26.88 10.28
C PRO B 138 14.66 27.74 9.24
N GLY B 139 13.97 28.00 8.14
CA GLY B 139 14.55 28.81 7.08
C GLY B 139 15.34 28.03 6.05
N PHE B 140 15.51 26.73 6.27
CA PHE B 140 16.26 25.89 5.34
C PHE B 140 15.65 25.93 3.95
N SER B 141 14.35 25.72 3.87
CA SER B 141 13.68 25.74 2.56
C SER B 141 13.37 27.16 2.13
N THR B 142 13.57 27.44 0.85
CA THR B 142 13.32 28.77 0.31
C THR B 142 11.83 29.09 0.46
N LYS B 143 11.02 28.07 0.19
CA LYS B 143 9.57 28.14 0.28
C LYS B 143 8.90 28.88 -0.87
N GLU B 144 7.59 28.68 -0.97
CA GLU B 144 6.78 29.28 -2.01
C GLU B 144 5.32 28.92 -1.72
N LYS B 145 5.08 27.62 -1.54
CA LYS B 145 3.75 27.13 -1.22
C LYS B 145 3.38 27.71 0.14
N VAL B 146 2.17 28.22 0.26
CA VAL B 146 1.73 28.82 1.51
C VAL B 146 0.57 28.07 2.15
N SER B 147 0.50 28.12 3.48
CA SER B 147 -0.56 27.45 4.23
C SER B 147 -1.86 28.25 4.06
N GLU B 148 -2.86 27.61 3.47
CA GLU B 148 -4.16 28.25 3.25
C GLU B 148 -4.87 28.54 4.57
N VAL B 149 -4.31 28.03 5.65
CA VAL B 149 -4.90 28.24 6.98
C VAL B 149 -4.22 29.38 7.73
N SER B 150 -2.89 29.32 7.84
CA SER B 150 -2.14 30.35 8.57
C SER B 150 -1.60 31.45 7.67
N GLY B 151 -1.16 31.10 6.46
CA GLY B 151 -0.63 32.10 5.55
C GLY B 151 0.88 32.15 5.47
N ARG B 152 1.55 31.25 6.19
CA ARG B 152 3.01 31.20 6.16
C ARG B 152 3.50 30.21 5.10
N GLY B 153 4.63 30.53 4.47
CA GLY B 153 5.18 29.65 3.46
C GLY B 153 5.41 28.29 4.08
N VAL B 154 5.39 27.23 3.29
CA VAL B 154 5.58 25.91 3.87
C VAL B 154 6.73 25.10 3.30
N GLY B 155 7.55 24.61 4.21
CA GLY B 155 8.69 23.77 3.87
C GLY B 155 8.73 22.71 4.93
N MET B 156 9.69 21.80 4.87
CA MET B 156 9.77 20.76 5.88
C MET B 156 9.99 21.41 7.25
N ASP B 157 10.69 22.55 7.26
CA ASP B 157 10.96 23.26 8.51
C ASP B 157 9.65 23.69 9.17
N VAL B 158 8.69 24.14 8.36
CA VAL B 158 7.40 24.55 8.92
C VAL B 158 6.61 23.32 9.36
N VAL B 159 6.73 22.23 8.62
CA VAL B 159 6.02 21.00 8.98
C VAL B 159 6.46 20.56 10.38
N LYS B 160 7.76 20.58 10.62
CA LYS B 160 8.31 20.19 11.92
C LYS B 160 7.84 21.17 12.98
N ASN B 161 7.88 22.46 12.67
CA ASN B 161 7.45 23.48 13.62
C ASN B 161 5.99 23.29 14.03
N VAL B 162 5.10 23.03 13.08
CA VAL B 162 3.69 22.79 13.38
C VAL B 162 3.53 21.52 14.23
N VAL B 163 4.18 20.43 13.80
CA VAL B 163 4.10 19.17 14.53
C VAL B 163 4.58 19.38 15.98
N GLU B 164 5.66 20.13 16.18
CA GLU B 164 6.16 20.41 17.53
C GLU B 164 5.13 21.22 18.31
N SER B 165 4.41 22.10 17.63
CA SER B 165 3.40 22.92 18.29
C SER B 165 2.23 22.08 18.81
N LEU B 166 2.08 20.88 18.25
CA LEU B 166 1.02 19.98 18.66
C LEU B 166 1.55 18.99 19.70
N ASN B 167 2.79 19.23 20.15
CA ASN B 167 3.46 18.40 21.16
C ASN B 167 3.82 17.02 20.63
N GLY B 168 4.00 16.92 19.31
CA GLY B 168 4.34 15.65 18.71
C GLY B 168 5.73 15.68 18.10
N SER B 169 6.06 14.64 17.34
CA SER B 169 7.37 14.57 16.72
C SER B 169 7.30 14.05 15.30
N ILE B 170 8.39 14.28 14.56
CA ILE B 170 8.44 13.84 13.17
C ILE B 170 9.79 13.25 12.82
N SER B 171 9.78 12.21 12.00
CA SER B 171 11.01 11.57 11.57
C SER B 171 10.95 11.30 10.07
N ILE B 172 12.12 11.26 9.45
CA ILE B 172 12.20 11.01 8.01
C ILE B 172 13.14 9.85 7.71
N GLU B 173 12.74 9.03 6.75
CA GLU B 173 13.52 7.88 6.30
C GLU B 173 13.55 8.00 4.79
N SER B 174 14.70 7.78 4.17
CA SER B 174 14.78 7.88 2.72
C SER B 174 16.01 7.18 2.16
N GLU B 175 15.82 6.47 1.05
CA GLU B 175 16.91 5.74 0.40
C GLU B 175 16.86 6.02 -1.10
N LYS B 176 18.02 6.28 -1.70
CA LYS B 176 18.08 6.59 -3.14
C LYS B 176 17.35 5.56 -4.01
N ASP B 177 16.49 6.07 -4.89
CA ASP B 177 15.73 5.24 -5.82
C ASP B 177 14.75 4.27 -5.15
N LYS B 178 14.68 4.31 -3.82
CA LYS B 178 13.77 3.44 -3.10
C LYS B 178 12.50 4.22 -2.74
N GLY B 179 12.67 5.38 -2.12
CA GLY B 179 11.53 6.19 -1.75
C GLY B 179 11.76 7.00 -0.49
N THR B 180 10.68 7.59 0.04
CA THR B 180 10.77 8.40 1.25
C THR B 180 9.55 8.14 2.12
N LYS B 181 9.78 8.06 3.42
CA LYS B 181 8.70 7.83 4.37
C LYS B 181 8.81 8.84 5.50
N VAL B 182 7.77 9.66 5.66
CA VAL B 182 7.73 10.66 6.72
C VAL B 182 6.71 10.18 7.75
N THR B 183 7.12 10.16 9.02
CA THR B 183 6.25 9.70 10.09
C THR B 183 6.04 10.80 11.13
N ILE B 184 4.79 11.03 11.46
CA ILE B 184 4.40 12.04 12.43
C ILE B 184 3.66 11.33 13.55
N ARG B 185 4.04 11.61 14.79
CA ARG B 185 3.39 11.02 15.95
C ARG B 185 2.83 12.16 16.79
N LEU B 186 1.51 12.15 16.99
CA LEU B 186 0.82 13.16 17.77
C LEU B 186 0.24 12.54 19.02
N PRO B 187 0.22 13.29 20.13
CA PRO B 187 -0.33 12.73 21.37
C PRO B 187 -1.85 12.53 21.27
N LEU B 188 -2.36 11.55 22.00
CA LEU B 188 -3.78 11.27 21.96
C LEU B 188 -4.59 12.27 22.79
N THR B 189 -3.98 12.75 23.88
CA THR B 189 -4.62 13.70 24.78
C THR B 189 -3.67 14.82 25.21
C ACT C . -15.01 -16.46 4.68
O ACT C . -15.31 -16.08 3.53
OXT ACT C . -14.50 -15.70 5.53
CH3 ACT C . -15.27 -17.91 5.08
MG MG D . -5.43 -11.88 3.99
PG ANP E . -5.10 -9.70 6.49
O1G ANP E . -4.75 -8.33 7.08
O2G ANP E . -4.87 -9.70 5.02
O3G ANP E . -4.59 -10.90 7.27
PB ANP E . -7.83 -10.72 5.81
O1B ANP E . -9.08 -10.70 6.62
O2B ANP E . -7.54 -12.06 5.34
N3B ANP E . -6.74 -10.03 6.77
PA ANP E . -8.22 -10.00 2.85
O1A ANP E . -6.95 -10.66 2.38
O2A ANP E . -8.47 -8.64 2.25
O3A ANP E . -8.27 -9.91 4.44
O5' ANP E . -9.28 -11.17 2.66
C5' ANP E . -10.61 -10.75 3.05
C4' ANP E . -11.90 -11.59 3.18
O4' ANP E . -12.06 -12.40 2.04
C3' ANP E . -11.32 -12.54 4.18
O3' ANP E . -11.36 -11.98 5.47
C2' ANP E . -12.11 -13.82 3.94
O2' ANP E . -13.35 -13.70 4.59
C1' ANP E . -12.21 -13.76 2.47
N9 ANP E . -11.25 -14.60 1.62
C8 ANP E . -10.15 -14.28 0.93
N7 ANP E . -9.54 -15.27 0.28
C5 ANP E . -10.32 -16.30 0.60
C6 ANP E . -10.30 -17.70 0.26
N6 ANP E . -9.33 -18.20 -0.54
N1 ANP E . -11.28 -18.54 0.74
C2 ANP E . -12.27 -18.06 1.54
N3 ANP E . -12.36 -16.76 1.92
C4 ANP E . -11.39 -15.94 1.42
PB ADP F . 10.27 22.62 -1.05
O1B ADP F . 9.06 23.34 -0.55
O2B ADP F . 11.23 23.54 -1.66
O3B ADP F . 9.63 21.47 -1.98
PA ADP F . 10.93 21.16 1.56
O1A ADP F . 9.51 20.66 1.75
O2A ADP F . 11.53 21.79 2.80
O3A ADP F . 11.02 22.19 0.35
O5' ADP F . 11.62 19.89 0.87
C5' ADP F . 13.01 20.12 0.57
C4' ADP F . 13.94 19.22 -0.27
O4' ADP F . 13.75 17.89 0.10
C3' ADP F . 13.12 19.34 -1.52
O3' ADP F . 13.45 20.53 -2.20
C2' ADP F . 13.39 18.02 -2.24
O2' ADP F . 14.61 18.12 -2.95
C1' ADP F . 13.45 17.13 -1.07
N9 ADP F . 12.23 16.28 -0.74
C8 ADP F . 11.21 16.46 0.14
N7 ADP F . 10.29 15.50 0.16
C5 ADP F . 10.76 14.67 -0.78
C6 ADP F . 10.32 13.41 -1.31
N6 ADP F . 9.17 12.83 -0.88
N1 ADP F . 11.04 12.77 -2.29
C2 ADP F . 12.19 13.32 -2.75
N3 ADP F . 12.68 14.49 -2.32
C4 ADP F . 11.95 15.11 -1.35
#